data_7UO8
#
_entry.id   7UO8
#
_cell.length_a   59.461
_cell.length_b   59.461
_cell.length_c   106.796
_cell.angle_alpha   90.000
_cell.angle_beta   90.000
_cell.angle_gamma   90.000
#
_symmetry.space_group_name_H-M   'P 41 21 2'
#
loop_
_entity.id
_entity.type
_entity.pdbx_description
1 polymer Tlde1a
2 polymer HIS-HIS-HIS-HIS-HIS
3 non-polymer D-METHIONINE
4 non-polymer 'SULFATE ION'
5 water water
#
loop_
_entity_poly.entity_id
_entity_poly.type
_entity_poly.pdbx_seq_one_letter_code
_entity_poly.pdbx_strand_id
1 'polypeptide(L)'
;MAVRLTFDGQKLTWPGIGIFKATTGLPDLQWPDKQCVPDAAIPEGNYKLFIQFQGEAPIRNAADCDLGPSWGWSTIPRGQ
AAGTCEIYWANWGYNRIRLESADEKTRKACGGKRGGFYIHDSTKGYSHG(CME)IEVEPVFFRILKQETEKENGEKTFTV
NVKYVSGQQTNGGTKQGE
;
A
2 'polypeptide(L)' HHHHHH B
#
loop_
_chem_comp.id
_chem_comp.type
_chem_comp.name
_chem_comp.formula
SO4 non-polymer 'SULFATE ION' 'O4 S -2'
#
# COMPACT_ATOMS: atom_id res chain seq x y z
N MET A 1 -1.10 6.10 -20.72
CA MET A 1 -2.17 5.49 -19.94
C MET A 1 -2.46 6.30 -18.67
N ALA A 2 -3.73 6.36 -18.29
CA ALA A 2 -4.17 7.05 -17.09
C ALA A 2 -5.15 6.13 -16.36
N VAL A 3 -4.78 5.72 -15.15
CA VAL A 3 -5.53 4.72 -14.40
C VAL A 3 -5.90 5.31 -13.05
N ARG A 4 -7.20 5.34 -12.74
CA ARG A 4 -7.72 5.76 -11.45
C ARG A 4 -8.23 4.50 -10.76
N LEU A 5 -7.37 3.90 -9.94
CA LEU A 5 -7.78 2.78 -9.09
C LEU A 5 -8.76 3.25 -8.04
N THR A 6 -9.60 2.32 -7.57
CA THR A 6 -10.50 2.60 -6.46
C THR A 6 -10.30 1.52 -5.40
N PHE A 7 -10.43 1.93 -4.14
CA PHE A 7 -10.28 1.01 -3.01
C PHE A 7 -11.41 1.24 -2.04
N ASP A 8 -12.17 0.19 -1.73
CA ASP A 8 -13.35 0.31 -0.88
C ASP A 8 -13.17 -0.36 0.47
N GLY A 9 -11.94 -0.73 0.83
CA GLY A 9 -11.66 -1.43 2.07
C GLY A 9 -11.41 -2.92 1.90
N GLN A 10 -11.94 -3.51 0.83
CA GLN A 10 -11.77 -4.94 0.59
CA GLN A 10 -11.77 -4.93 0.58
C GLN A 10 -11.30 -5.28 -0.83
N LYS A 11 -11.47 -4.38 -1.79
CA LYS A 11 -11.12 -4.66 -3.18
C LYS A 11 -10.46 -3.42 -3.79
N LEU A 12 -9.35 -3.65 -4.47
CA LEU A 12 -8.68 -2.63 -5.28
C LEU A 12 -9.07 -2.87 -6.73
N THR A 13 -9.75 -1.90 -7.34
CA THR A 13 -10.28 -2.06 -8.69
C THR A 13 -9.40 -1.29 -9.68
N TRP A 14 -8.99 -1.97 -10.73
CA TRP A 14 -8.30 -1.39 -11.88
C TRP A 14 -9.31 -1.33 -13.02
N PRO A 15 -9.93 -0.17 -13.28
CA PRO A 15 -11.03 -0.13 -14.25
C PRO A 15 -10.59 -0.64 -15.62
N GLY A 16 -11.42 -1.52 -16.19
CA GLY A 16 -11.12 -2.12 -17.46
C GLY A 16 -10.32 -3.40 -17.40
N ILE A 17 -9.80 -3.76 -16.22
CA ILE A 17 -9.03 -5.00 -16.10
C ILE A 17 -9.70 -5.92 -15.10
N GLY A 18 -9.67 -5.56 -13.83
CA GLY A 18 -10.26 -6.42 -12.83
C GLY A 18 -10.07 -5.92 -11.42
N ILE A 19 -10.29 -6.84 -10.49
CA ILE A 19 -10.40 -6.58 -9.06
C ILE A 19 -9.31 -7.36 -8.35
N PHE A 20 -8.76 -6.76 -7.30
CA PHE A 20 -7.72 -7.39 -6.49
C PHE A 20 -8.13 -7.35 -5.03
N LYS A 21 -7.95 -8.47 -4.34
CA LYS A 21 -8.17 -8.48 -2.89
C LYS A 21 -7.22 -7.49 -2.23
N ALA A 22 -7.73 -6.75 -1.24
CA ALA A 22 -6.91 -5.76 -0.56
C ALA A 22 -7.42 -5.49 0.85
N THR A 23 -6.50 -5.07 1.72
CA THR A 23 -6.70 -4.93 3.14
C THR A 23 -5.97 -3.70 3.64
N THR A 24 -6.57 -3.03 4.62
CA THR A 24 -5.89 -1.88 5.23
C THR A 24 -6.11 -1.88 6.74
N GLY A 25 -5.04 -1.59 7.48
CA GLY A 25 -5.12 -1.43 8.91
C GLY A 25 -4.59 -2.63 9.68
N LEU A 26 -4.15 -2.37 10.93
CA LEU A 26 -3.75 -3.44 11.81
C LEU A 26 -4.97 -4.24 12.25
N PRO A 27 -4.75 -5.44 12.81
CA PRO A 27 -5.88 -6.37 13.01
C PRO A 27 -7.11 -5.79 13.69
N ASP A 28 -6.95 -4.95 14.70
CA ASP A 28 -8.09 -4.40 15.44
C ASP A 28 -8.52 -3.04 14.93
N LEU A 29 -7.92 -2.55 13.85
CA LEU A 29 -8.12 -1.19 13.37
C LEU A 29 -8.62 -1.15 11.93
N GLN A 30 -9.16 -2.27 11.44
CA GLN A 30 -9.63 -2.39 10.05
C GLN A 30 -11.08 -1.93 9.93
N TRP A 31 -11.30 -0.65 10.26
CA TRP A 31 -12.62 -0.07 10.33
C TRP A 31 -12.60 1.34 9.74
N PRO A 32 -13.57 1.69 8.89
CA PRO A 32 -13.65 3.09 8.42
C PRO A 32 -13.75 4.10 9.56
N ASP A 33 -14.37 3.74 10.68
CA ASP A 33 -14.51 4.71 11.78
C ASP A 33 -13.26 4.84 12.63
N LYS A 34 -12.18 4.12 12.30
CA LYS A 34 -10.91 4.25 12.98
C LYS A 34 -9.83 4.85 12.08
N GLN A 35 -10.22 5.46 10.95
CA GLN A 35 -9.25 5.82 9.92
C GLN A 35 -8.35 6.98 10.31
N CYS A 36 -8.55 7.61 11.47
CA CYS A 36 -7.62 8.63 11.95
C CYS A 36 -6.78 8.14 13.11
N VAL A 37 -6.83 6.85 13.42
CA VAL A 37 -5.96 6.23 14.41
C VAL A 37 -4.68 5.79 13.72
N PRO A 38 -3.50 6.01 14.30
CA PRO A 38 -2.27 5.53 13.66
C PRO A 38 -2.36 4.04 13.34
N ASP A 39 -1.87 3.68 12.15
CA ASP A 39 -1.79 2.31 11.66
C ASP A 39 -3.15 1.69 11.38
N ALA A 40 -4.21 2.47 11.36
CA ALA A 40 -5.54 1.97 11.03
C ALA A 40 -5.78 2.03 9.52
N ALA A 41 -7.00 1.68 9.12
CA ALA A 41 -7.42 1.85 7.74
C ALA A 41 -7.02 3.22 7.19
N ILE A 42 -6.51 3.22 5.96
CA ILE A 42 -5.98 4.45 5.36
C ILE A 42 -7.10 5.48 5.23
N PRO A 43 -6.84 6.78 5.43
CA PRO A 43 -7.92 7.76 5.34
C PRO A 43 -8.47 7.87 3.92
N GLU A 44 -9.79 8.11 3.83
CA GLU A 44 -10.43 8.25 2.53
C GLU A 44 -9.89 9.48 1.80
N GLY A 45 -9.88 9.41 0.48
CA GLY A 45 -9.42 10.52 -0.32
C GLY A 45 -8.70 10.02 -1.57
N ASN A 46 -7.93 10.93 -2.15
CA ASN A 46 -7.26 10.69 -3.43
C ASN A 46 -5.75 10.70 -3.21
N TYR A 47 -5.09 9.68 -3.73
CA TYR A 47 -3.65 9.49 -3.59
C TYR A 47 -3.01 9.23 -4.95
N LYS A 48 -1.83 9.82 -5.14
CA LYS A 48 -1.00 9.53 -6.30
C LYS A 48 -0.18 8.28 -6.02
N LEU A 49 -0.08 7.40 -7.02
CA LEU A 49 0.84 6.27 -6.99
C LEU A 49 2.14 6.66 -7.68
N PHE A 50 3.27 6.30 -7.05
CA PHE A 50 4.60 6.47 -7.65
C PHE A 50 5.04 5.11 -8.17
N ILE A 51 4.85 4.89 -9.47
CA ILE A 51 5.11 3.56 -10.04
C ILE A 51 6.46 3.43 -10.72
N GLN A 52 7.25 4.51 -10.79
CA GLN A 52 8.60 4.41 -11.31
C GLN A 52 9.37 3.34 -10.54
N PHE A 53 9.89 2.35 -11.25
CA PHE A 53 10.56 1.23 -10.59
C PHE A 53 12.00 1.63 -10.26
N GLN A 54 12.33 1.59 -8.97
CA GLN A 54 13.60 2.10 -8.47
C GLN A 54 14.43 1.05 -7.75
N GLY A 55 14.10 -0.23 -7.94
CA GLY A 55 14.92 -1.27 -7.35
C GLY A 55 14.73 -1.36 -5.85
N GLU A 56 15.80 -1.68 -5.16
CA GLU A 56 15.66 -2.03 -3.74
C GLU A 56 15.37 -0.80 -2.90
N ALA A 57 14.49 -0.97 -1.92
CA ALA A 57 14.15 0.13 -1.04
C ALA A 57 15.36 0.55 -0.21
N PRO A 58 15.52 1.85 0.04
CA PRO A 58 16.62 2.28 0.92
C PRO A 58 16.44 1.74 2.32
N ILE A 59 17.56 1.54 3.01
CA ILE A 59 17.58 1.06 4.38
C ILE A 59 18.06 2.22 5.25
N ARG A 60 17.13 2.80 6.02
CA ARG A 60 17.47 3.96 6.84
C ARG A 60 18.33 3.55 8.04
N ASN A 61 18.00 2.43 8.67
CA ASN A 61 18.80 1.93 9.80
C ASN A 61 18.68 0.41 9.78
N ALA A 62 19.73 -0.26 9.31
CA ALA A 62 19.73 -1.72 9.29
C ALA A 62 19.70 -2.29 10.69
N ALA A 63 20.37 -1.64 11.64
CA ALA A 63 20.42 -2.16 13.01
C ALA A 63 19.02 -2.23 13.62
N ASP A 64 18.19 -1.23 13.34
CA ASP A 64 16.83 -1.19 13.87
C ASP A 64 15.81 -1.78 12.90
N CYS A 65 16.27 -2.39 11.81
CA CYS A 65 15.38 -2.98 10.81
C CYS A 65 14.36 -1.96 10.32
N ASP A 66 14.86 -0.81 9.90
CA ASP A 66 14.04 0.35 9.56
C ASP A 66 14.31 0.73 8.10
N LEU A 67 13.34 0.47 7.24
CA LEU A 67 13.45 0.92 5.85
C LEU A 67 13.24 2.43 5.77
N GLY A 68 13.95 3.07 4.87
CA GLY A 68 13.73 4.47 4.60
C GLY A 68 12.52 4.69 3.71
N PRO A 69 12.08 5.94 3.64
CA PRO A 69 11.03 6.28 2.67
C PRO A 69 11.59 6.43 1.27
N SER A 70 10.74 6.11 0.29
CA SER A 70 11.13 6.34 -1.10
C SER A 70 9.87 6.52 -1.92
N TRP A 71 9.95 7.41 -2.92
CA TRP A 71 8.81 7.81 -3.72
C TRP A 71 8.90 7.12 -5.07
N GLY A 72 8.47 5.88 -5.09
CA GLY A 72 8.51 5.06 -6.29
C GLY A 72 8.03 3.65 -5.95
N TRP A 73 8.26 2.76 -6.89
CA TRP A 73 8.00 1.32 -6.74
C TRP A 73 9.33 0.68 -6.42
N SER A 74 9.46 0.14 -5.21
CA SER A 74 10.71 -0.46 -4.75
C SER A 74 10.45 -1.86 -4.22
N THR A 75 11.52 -2.64 -4.11
CA THR A 75 11.47 -3.99 -3.60
C THR A 75 11.98 -4.05 -2.16
N ILE A 76 11.58 -5.10 -1.46
CA ILE A 76 11.87 -5.26 -0.05
C ILE A 76 12.99 -6.28 0.11
N PRO A 77 14.04 -6.01 0.89
CA PRO A 77 15.04 -7.05 1.17
C PRO A 77 14.39 -8.15 2.01
N ARG A 78 14.56 -9.40 1.57
CA ARG A 78 13.88 -10.52 2.20
C ARG A 78 14.81 -11.72 2.28
N GLY A 79 14.43 -12.67 3.12
CA GLY A 79 15.22 -13.89 3.25
C GLY A 79 16.56 -13.62 3.90
N GLN A 80 17.59 -14.33 3.41
CA GLN A 80 18.93 -14.14 3.96
C GLN A 80 19.43 -12.72 3.76
N ALA A 81 19.03 -12.08 2.66
CA ALA A 81 19.45 -10.70 2.41
C ALA A 81 18.94 -9.75 3.49
N ALA A 82 17.84 -10.10 4.15
CA ALA A 82 17.29 -9.27 5.22
C ALA A 82 17.85 -9.64 6.60
N GLY A 83 18.51 -10.78 6.73
CA GLY A 83 19.04 -11.18 8.02
C GLY A 83 17.95 -11.27 9.07
N THR A 84 18.25 -10.75 10.26
CA THR A 84 17.30 -10.79 11.35
C THR A 84 16.11 -9.85 11.14
N CYS A 85 16.14 -9.00 10.11
CA CYS A 85 15.03 -8.13 9.80
C CYS A 85 13.92 -8.82 9.00
N GLU A 86 14.14 -10.08 8.60
CA GLU A 86 13.16 -10.79 7.79
C GLU A 86 11.77 -10.75 8.42
N ILE A 87 11.67 -11.08 9.71
CA ILE A 87 10.36 -11.17 10.34
C ILE A 87 9.63 -9.84 10.27
N TYR A 88 10.35 -8.74 10.46
CA TYR A 88 9.70 -7.43 10.36
C TYR A 88 9.36 -7.09 8.91
N TRP A 89 10.30 -7.31 7.98
CA TRP A 89 10.08 -6.88 6.61
C TRP A 89 9.14 -7.80 5.84
N ALA A 90 8.84 -8.99 6.36
CA ALA A 90 7.73 -9.77 5.83
C ALA A 90 6.42 -8.99 5.88
N ASN A 91 6.32 -8.01 6.77
CA ASN A 91 5.13 -7.18 6.84
C ASN A 91 5.06 -6.16 5.73
N TRP A 92 6.21 -5.82 5.13
CA TRP A 92 6.20 -5.06 3.89
C TRP A 92 5.79 -5.96 2.72
N GLY A 93 6.42 -7.12 2.61
CA GLY A 93 6.19 -8.01 1.49
C GLY A 93 7.41 -8.10 0.60
N TYR A 94 7.19 -8.05 -0.72
CA TYR A 94 8.28 -8.03 -1.69
C TYR A 94 8.30 -6.77 -2.54
N ASN A 95 7.17 -6.08 -2.67
CA ASN A 95 7.05 -4.87 -3.46
C ASN A 95 6.26 -3.84 -2.67
N ARG A 96 6.59 -2.56 -2.87
CA ARG A 96 5.82 -1.46 -2.32
C ARG A 96 5.81 -0.31 -3.31
N ILE A 97 4.67 0.37 -3.39
CA ILE A 97 4.48 1.57 -4.21
C ILE A 97 4.06 2.71 -3.29
N ARG A 98 4.82 3.81 -3.30
CA ARG A 98 4.49 4.95 -2.46
C ARG A 98 3.19 5.59 -2.90
N LEU A 99 2.40 6.03 -1.93
CA LEU A 99 1.24 6.88 -2.13
C LEU A 99 1.49 8.25 -1.50
N GLU A 100 0.86 9.28 -2.09
CA GLU A 100 0.87 10.63 -1.54
C GLU A 100 -0.50 11.25 -1.72
N SER A 101 -1.01 11.88 -0.65
CA SER A 101 -2.24 12.64 -0.76
C SER A 101 -2.16 13.64 -1.90
N ALA A 102 -3.25 13.76 -2.65
CA ALA A 102 -3.22 14.49 -3.91
C ALA A 102 -4.24 15.62 -4.01
N ASP A 103 -4.95 15.93 -2.94
CA ASP A 103 -5.88 17.06 -2.98
C ASP A 103 -6.13 17.55 -1.56
N GLU A 104 -6.96 18.60 -1.46
CA GLU A 104 -7.10 19.32 -0.20
C GLU A 104 -7.75 18.48 0.88
N LYS A 105 -8.90 17.87 0.56
CA LYS A 105 -9.61 17.10 1.58
C LYS A 105 -8.76 15.95 2.08
N THR A 106 -7.93 15.36 1.21
CA THR A 106 -7.11 14.22 1.62
C THR A 106 -5.93 14.67 2.47
N ARG A 107 -5.28 15.78 2.10
CA ARG A 107 -4.15 16.27 2.88
C ARG A 107 -4.58 16.73 4.27
N LYS A 108 -5.81 17.21 4.41
CA LYS A 108 -6.31 17.71 5.69
C LYS A 108 -6.97 16.61 6.53
N ALA A 109 -7.16 15.42 5.99
CA ALA A 109 -7.76 14.34 6.76
C ALA A 109 -6.96 14.08 8.04
N CYS A 110 -7.67 13.87 9.14
CA CYS A 110 -7.05 13.50 10.40
C CYS A 110 -6.06 14.55 10.88
N GLY A 111 -6.40 15.82 10.66
CA GLY A 111 -5.55 16.91 11.06
C GLY A 111 -4.17 16.89 10.42
N GLY A 112 -4.01 16.10 9.36
CA GLY A 112 -2.72 15.98 8.71
C GLY A 112 -1.70 15.16 9.46
N LYS A 113 -2.12 14.35 10.43
CA LYS A 113 -1.20 13.70 11.34
C LYS A 113 -0.78 12.31 10.88
N ARG A 114 -1.38 11.77 9.82
CA ARG A 114 -1.03 10.46 9.32
C ARG A 114 -0.27 10.58 8.00
N GLY A 115 0.40 9.49 7.63
CA GLY A 115 1.17 9.51 6.41
C GLY A 115 2.00 8.25 6.24
N GLY A 116 2.91 8.31 5.29
CA GLY A 116 3.75 7.17 4.99
C GLY A 116 3.02 6.03 4.32
N PHE A 117 2.10 6.34 3.41
CA PHE A 117 1.21 5.32 2.86
C PHE A 117 1.85 4.65 1.66
N TYR A 118 1.61 3.34 1.53
CA TYR A 118 2.09 2.54 0.41
C TYR A 118 1.04 1.51 0.05
N ILE A 119 1.11 1.00 -1.19
CA ILE A 119 0.51 -0.26 -1.58
C ILE A 119 1.63 -1.30 -1.55
N HIS A 120 1.39 -2.44 -0.91
CA HIS A 120 2.44 -3.46 -0.76
C HIS A 120 1.79 -4.84 -0.80
N ASP A 121 2.64 -5.86 -1.01
CA ASP A 121 2.14 -7.19 -1.36
C ASP A 121 2.50 -8.27 -0.34
N SER A 122 2.61 -7.89 0.93
CA SER A 122 2.66 -8.89 1.98
C SER A 122 1.35 -9.70 1.96
N THR A 123 1.38 -10.84 2.65
CA THR A 123 0.21 -11.71 2.70
C THR A 123 -0.22 -11.97 4.14
N LYS A 124 -0.31 -10.91 4.94
CA LYS A 124 -0.57 -11.05 6.36
C LYS A 124 -2.04 -10.99 6.73
N GLY A 125 -2.87 -10.36 5.91
CA GLY A 125 -4.23 -10.05 6.31
C GLY A 125 -4.34 -8.80 7.15
N TYR A 126 -3.30 -7.97 7.17
CA TYR A 126 -3.32 -6.68 7.85
C TYR A 126 -2.27 -5.80 7.20
N SER A 127 -2.27 -4.52 7.58
CA SER A 127 -1.30 -3.58 7.08
C SER A 127 -1.09 -2.48 8.11
N HIS A 128 0.18 -2.11 8.32
CA HIS A 128 0.55 -1.04 9.26
C HIS A 128 0.23 0.32 8.66
N GLY A 129 -1.07 0.62 8.56
CA GLY A 129 -1.51 1.92 8.05
C GLY A 129 -1.31 2.12 6.56
N CME A 130 -1.34 1.04 5.80
CA CME A 130 -1.17 1.04 4.36
CB CME A 130 0.26 0.68 3.98
SG CME A 130 1.51 1.75 4.71
SD CME A 130 3.30 0.79 4.34
CE CME A 130 3.77 -0.09 5.79
CZ CME A 130 3.68 -1.62 5.60
OH CME A 130 4.06 -2.24 6.83
C CME A 130 -2.19 0.11 3.74
O CME A 130 -3.16 -0.29 4.37
HA CME A 130 -1.42 2.05 3.89
HB2 CME A 130 0.35 0.73 2.87
HB3 CME A 130 0.46 -0.36 4.30
HE2 CME A 130 3.10 0.27 6.61
HE3 CME A 130 4.81 0.24 6.02
HZ2 CME A 130 4.37 -1.95 4.78
HZ3 CME A 130 2.63 -1.91 5.34
HH CME A 130 4.50 -3.06 6.60
N ILE A 131 -2.00 -0.17 2.45
CA ILE A 131 -2.89 -1.05 1.71
C ILE A 131 -2.13 -2.30 1.28
N GLU A 132 -2.48 -3.44 1.86
CA GLU A 132 -1.94 -4.74 1.47
C GLU A 132 -2.79 -5.28 0.33
N VAL A 133 -2.15 -5.61 -0.79
CA VAL A 133 -2.88 -6.03 -1.99
C VAL A 133 -2.39 -7.41 -2.43
N GLU A 134 -3.31 -8.17 -3.05
CA GLU A 134 -2.97 -9.43 -3.68
C GLU A 134 -1.70 -9.29 -4.52
N PRO A 135 -0.71 -10.17 -4.35
CA PRO A 135 0.57 -9.97 -5.05
C PRO A 135 0.44 -9.90 -6.57
N VAL A 136 -0.55 -10.56 -7.16
CA VAL A 136 -0.66 -10.54 -8.62
C VAL A 136 -0.86 -9.11 -9.14
N PHE A 137 -1.34 -8.19 -8.30
CA PHE A 137 -1.47 -6.81 -8.72
C PHE A 137 -0.15 -6.30 -9.31
N PHE A 138 0.98 -6.65 -8.69
CA PHE A 138 2.26 -6.12 -9.15
C PHE A 138 2.72 -6.79 -10.44
N ARG A 139 2.28 -8.04 -10.68
CA ARG A 139 2.58 -8.67 -11.96
C ARG A 139 1.75 -8.03 -13.08
N ILE A 140 0.48 -7.74 -12.81
CA ILE A 140 -0.35 -7.06 -13.81
C ILE A 140 0.17 -5.65 -14.05
N LEU A 141 0.59 -4.95 -12.99
CA LEU A 141 1.13 -3.61 -13.16
C LEU A 141 2.36 -3.63 -14.07
N LYS A 142 3.27 -4.56 -13.84
CA LYS A 142 4.47 -4.66 -14.67
C LYS A 142 4.09 -4.94 -16.12
N GLN A 143 3.20 -5.92 -16.32
CA GLN A 143 2.87 -6.32 -17.68
C GLN A 143 2.12 -5.22 -18.43
N GLU A 144 1.22 -4.51 -17.75
CA GLU A 144 0.45 -3.48 -18.43
C GLU A 144 1.30 -2.25 -18.75
N THR A 145 2.19 -1.86 -17.83
CA THR A 145 2.96 -0.64 -18.05
C THR A 145 4.12 -0.84 -19.02
N GLU A 146 4.69 -2.05 -19.08
CA GLU A 146 5.85 -2.29 -19.93
C GLU A 146 5.47 -2.47 -21.40
N LYS A 147 4.19 -2.46 -21.74
CA LYS A 147 3.77 -2.48 -23.13
C LYS A 147 3.29 -1.12 -23.63
N GLU A 148 3.32 -0.10 -22.77
CA GLU A 148 3.00 1.26 -23.16
C GLU A 148 4.28 2.09 -23.15
N ASN A 149 4.31 3.13 -23.98
CA ASN A 149 5.51 3.93 -24.21
C ASN A 149 5.47 5.31 -23.56
N GLY A 150 4.32 5.96 -23.52
CA GLY A 150 4.22 7.34 -23.09
C GLY A 150 4.19 7.47 -21.58
N GLU A 151 3.61 8.58 -21.13
CA GLU A 151 3.51 8.85 -19.70
C GLU A 151 2.45 7.95 -19.07
N LYS A 152 2.69 7.57 -17.81
CA LYS A 152 1.86 6.61 -17.10
C LYS A 152 1.45 7.22 -15.77
N THR A 153 0.15 7.49 -15.62
CA THR A 153 -0.38 8.22 -14.47
C THR A 153 -1.32 7.31 -13.70
N PHE A 154 -0.96 7.02 -12.45
CA PHE A 154 -1.75 6.16 -11.57
C PHE A 154 -2.16 6.91 -10.32
N THR A 155 -3.44 6.82 -9.98
CA THR A 155 -3.98 7.33 -8.73
C THR A 155 -4.89 6.28 -8.12
N VAL A 156 -5.21 6.45 -6.84
CA VAL A 156 -6.19 5.60 -6.17
C VAL A 156 -7.13 6.49 -5.36
N ASN A 157 -8.42 6.25 -5.48
CA ASN A 157 -9.42 6.88 -4.64
C ASN A 157 -9.84 5.89 -3.57
N VAL A 158 -9.72 6.27 -2.31
CA VAL A 158 -10.14 5.46 -1.17
C VAL A 158 -11.48 5.97 -0.70
N LYS A 159 -12.49 5.11 -0.71
CA LYS A 159 -13.84 5.51 -0.31
C LYS A 159 -14.52 4.31 0.30
N TYR A 160 -14.91 4.44 1.58
CA TYR A 160 -15.60 3.39 2.32
C TYR A 160 -17.10 3.65 2.26
N VAL A 161 -17.82 2.81 1.51
CA VAL A 161 -19.27 2.93 1.42
C VAL A 161 -19.98 2.06 2.43
N SER A 162 -19.26 1.18 3.10
CA SER A 162 -19.80 0.31 4.14
C SER A 162 -18.93 0.43 5.38
N GLY A 163 -19.55 0.22 6.54
CA GLY A 163 -18.83 0.14 7.78
C GLY A 163 -18.17 -1.21 8.03
N GLN A 164 -18.22 -2.12 7.05
CA GLN A 164 -17.68 -3.44 7.27
C GLN A 164 -16.16 -3.39 7.37
N GLN A 165 -15.61 -4.47 7.91
CA GLN A 165 -14.17 -4.53 8.17
C GLN A 165 -13.39 -4.39 6.87
N THR A 166 -12.32 -3.62 6.92
CA THR A 166 -11.50 -3.32 5.74
C THR A 166 -10.46 -4.43 5.54
N ASN A 167 -10.96 -5.66 5.39
CA ASN A 167 -10.13 -6.83 5.17
C ASN A 167 -10.68 -7.56 3.95
N GLY A 168 -9.83 -7.69 2.92
CA GLY A 168 -10.20 -8.35 1.69
C GLY A 168 -9.77 -9.79 1.56
N GLY A 169 -9.37 -10.42 2.65
CA GLY A 169 -8.96 -11.81 2.62
C GLY A 169 -7.59 -12.03 2.04
N THR A 170 -6.65 -11.13 2.32
CA THR A 170 -5.32 -11.22 1.76
C THR A 170 -4.38 -12.13 2.55
N LYS A 171 -4.77 -12.57 3.74
CA LYS A 171 -3.94 -13.52 4.47
C LYS A 171 -3.74 -14.78 3.64
N GLN A 172 -2.50 -15.27 3.61
CA GLN A 172 -2.17 -16.46 2.83
C GLN A 172 -2.99 -17.65 3.32
N GLY A 173 -3.64 -18.35 2.39
CA GLY A 173 -4.56 -19.41 2.71
C GLY A 173 -3.97 -20.80 2.48
N GLU A 174 -4.80 -21.81 2.80
CA GLU A 174 -4.42 -23.22 2.80
C GLU A 174 -2.92 -23.42 3.03
N HIS B 1 8.88 9.70 12.35
CA HIS B 1 8.74 8.83 11.18
C HIS B 1 7.40 8.14 11.18
N HIS B 2 6.80 8.01 9.99
CA HIS B 2 5.52 7.31 9.88
C HIS B 2 5.64 5.83 10.19
N HIS B 3 6.84 5.26 10.07
CA HIS B 3 7.06 3.85 10.31
C HIS B 3 8.35 3.68 11.10
N HIS B 4 8.41 2.61 11.90
CA HIS B 4 9.61 2.25 12.63
C HIS B 4 10.30 1.02 12.05
N HIS B 5 9.67 0.34 11.09
CA HIS B 5 10.30 -0.76 10.38
C HIS B 5 10.04 -0.58 8.88
N MED C . 1.94 4.46 9.94
CA MED C . 1.51 5.81 10.27
C MED C . 0.04 5.98 9.90
O MED C . -0.71 5.00 9.90
CB MED C . 1.68 6.08 11.76
CG MED C . 1.22 7.47 12.20
SD MED C . 2.26 8.84 11.63
CE MED C . 3.62 8.75 12.81
OXT MED C . -0.41 7.10 9.61
H2 MED C . 2.47 3.96 10.57
H MED C . 2.77 4.42 9.69
HA MED C . 2.04 6.46 9.79
HB2 MED C . 2.62 6.01 11.99
HB3 MED C . 1.17 5.43 12.26
HG2 MED C . 1.22 7.50 13.18
HG3 MED C . 0.32 7.62 11.87
HE1 MED C . 4.25 9.45 12.62
HE2 MED C . 4.05 7.88 12.73
HE3 MED C . 3.26 8.86 13.71
S SO4 D . 8.70 7.74 7.19
O1 SO4 D . 9.95 8.08 6.53
O2 SO4 D . 8.87 6.51 7.96
O3 SO4 D . 8.28 8.82 8.07
O4 SO4 D . 7.66 7.52 6.17
#